data_6FTH
#
_entry.id   6FTH
#
_cell.length_a   55.399
_cell.length_b   70.139
_cell.length_c   121.121
_cell.angle_alpha   90.000
_cell.angle_beta   90.000
_cell.angle_gamma   90.000
#
_symmetry.space_group_name_H-M   'P 21 21 21'
#
loop_
_entity.id
_entity.type
_entity.pdbx_description
1 polymer 'Extracellular solute-binding protein, family 1'
2 water water
#
_entity_poly.entity_id   1
_entity_poly.type   'polypeptide(L)'
_entity_poly.pdbx_seq_one_letter_code
;GAMAVALLGSLAACGGSKEPTTTADGKPIVSVLVVKRPATDKIANMQWAKDLEADCDCKIEWQEVSEDAWAQQKNATLAA
GKIADVSLHAFFPANAAQFPGLFEDLSKDLDKMPNVKQFFKEKPDAQKLTTDPEGHMYALPSSRGKSYSGTGQHMFINKT
WLDKLGLQVPTTWDELENVLKAFKTEDPNGNGQADEIPMNIRKLDSYFTYYSPMLLLNSTGIVTGFNKGASPTGFYAKNG
VVKSFLTSDEYKQVIKYYHKLISEGLIPADWATKTFDACDTDQLSDGKTAKTGVSFGWSQDASFGTLKDQYIPIPVPSAP
GVSPDKTVWDGSSAEFEADRFSLSSHAANKDAALKLANLLYSEKYSVQQFLGSFGNLVTDDGNRHYTVDEDKYTKAMGDN
LFPGLADRFSGWIPDGVTIKGDVDGDNLLEANKPYEEQRSHFDPVKDYIPDYVNPDPTDSNTLTNNNAQISNVVMQKTAT
WMSKGGIDEEWDAYCKQLDSLGLQENVKIWQKWYDIYTKK
;
_entity_poly.pdbx_strand_id   A
#
# COMPACT_ATOMS: atom_id res chain seq x y z
N ASP A 25 42.81 7.03 -1.69
CA ASP A 25 43.55 6.11 -0.82
C ASP A 25 43.23 4.66 -1.18
N GLY A 26 42.86 4.42 -2.43
CA GLY A 26 42.67 3.07 -2.93
C GLY A 26 41.34 2.44 -2.61
N LYS A 27 40.39 3.19 -2.05
CA LYS A 27 39.13 2.55 -1.67
C LYS A 27 38.21 2.43 -2.89
N PRO A 28 37.47 1.32 -3.02
CA PRO A 28 36.58 1.18 -4.17
C PRO A 28 35.46 2.20 -4.10
N ILE A 29 35.11 2.74 -5.27
CA ILE A 29 34.03 3.71 -5.40
C ILE A 29 32.76 2.99 -5.82
N VAL A 30 31.66 3.33 -5.19
CA VAL A 30 30.35 2.78 -5.49
C VAL A 30 29.41 3.98 -5.62
N SER A 31 28.83 4.15 -6.80
CA SER A 31 27.79 5.17 -6.96
C SER A 31 26.45 4.59 -6.51
N VAL A 32 25.70 5.38 -5.76
CA VAL A 32 24.44 4.94 -5.17
C VAL A 32 23.36 5.97 -5.46
N LEU A 33 22.41 5.60 -6.33
CA LEU A 33 21.23 6.42 -6.52
C LEU A 33 20.21 6.07 -5.44
N VAL A 34 19.69 7.08 -4.76
CA VAL A 34 18.65 6.88 -3.77
C VAL A 34 17.47 7.78 -4.11
N VAL A 35 16.33 7.16 -4.37
CA VAL A 35 15.07 7.88 -4.56
C VAL A 35 14.51 8.12 -3.17
N LYS A 36 14.29 9.39 -2.83
CA LYS A 36 14.06 9.83 -1.47
C LYS A 36 12.58 10.04 -1.14
N ARG A 37 12.21 9.64 0.06
CA ARG A 37 10.92 10.01 0.62
C ARG A 37 10.87 11.52 0.82
N PRO A 38 9.71 12.14 0.68
CA PRO A 38 9.58 13.53 1.12
C PRO A 38 9.93 13.67 2.59
N ALA A 39 10.37 14.87 2.97
CA ALA A 39 10.58 15.29 4.35
C ALA A 39 11.86 14.73 4.95
N THR A 40 12.74 14.15 4.16
CA THR A 40 14.02 13.62 4.61
C THR A 40 15.14 14.64 4.39
N ASP A 41 16.09 14.65 5.33
CA ASP A 41 17.34 15.38 5.17
C ASP A 41 18.15 14.75 4.05
N LYS A 42 19.19 15.46 3.62
CA LYS A 42 20.14 14.90 2.69
C LYS A 42 20.87 13.73 3.37
N ILE A 43 21.13 12.67 2.61
CA ILE A 43 21.77 11.47 3.18
C ILE A 43 23.15 11.80 3.75
N ALA A 44 23.92 12.64 3.03
CA ALA A 44 25.25 13.02 3.51
C ALA A 44 25.18 13.64 4.89
N ASN A 45 24.05 14.23 5.27
CA ASN A 45 23.88 14.82 6.59
C ASN A 45 23.54 13.80 7.67
N MET A 46 23.39 12.52 7.34
CA MET A 46 22.97 11.52 8.31
C MET A 46 24.17 10.75 8.85
N GLN A 47 24.30 10.72 10.19
CA GLN A 47 25.43 10.04 10.80
C GLN A 47 25.51 8.58 10.40
N TRP A 48 24.38 7.87 10.41
CA TRP A 48 24.42 6.45 10.07
C TRP A 48 24.99 6.23 8.68
N ALA A 49 24.76 7.17 7.76
CA ALA A 49 25.26 7.01 6.41
C ALA A 49 26.78 7.21 6.35
N LYS A 50 27.30 8.08 7.20
CA LYS A 50 28.75 8.21 7.33
C LYS A 50 29.36 6.96 7.95
N ASP A 51 28.72 6.45 9.00
CA ASP A 51 29.13 5.18 9.60
C ASP A 51 29.11 4.06 8.57
N LEU A 52 28.05 4.00 7.75
CA LEU A 52 27.93 2.90 6.80
C LEU A 52 29.07 2.91 5.81
N GLU A 53 29.40 4.10 5.30
CA GLU A 53 30.50 4.24 4.35
C GLU A 53 31.81 3.78 4.96
N ALA A 54 32.09 4.18 6.20
CA ALA A 54 33.30 3.71 6.86
C ALA A 54 33.29 2.20 7.00
N ASP A 55 32.17 1.64 7.44
CA ASP A 55 32.08 0.20 7.66
C ASP A 55 32.20 -0.57 6.37
N CYS A 56 31.80 0.04 5.26
CA CYS A 56 31.96 -0.60 3.97
C CYS A 56 33.41 -0.55 3.47
N ASP A 57 34.23 0.33 4.02
CA ASP A 57 35.60 0.51 3.54
C ASP A 57 35.60 0.86 2.06
N CYS A 58 34.66 1.72 1.66
CA CYS A 58 34.54 2.14 0.27
C CYS A 58 34.20 3.62 0.25
N LYS A 59 34.20 4.20 -0.94
CA LYS A 59 33.74 5.57 -1.11
C LYS A 59 32.38 5.51 -1.78
N ILE A 60 31.38 6.11 -1.12
CA ILE A 60 30.02 6.16 -1.66
C ILE A 60 29.80 7.52 -2.32
N GLU A 61 29.43 7.49 -3.58
CA GLU A 61 29.01 8.69 -4.29
C GLU A 61 27.49 8.68 -4.33
N TRP A 62 26.87 9.42 -3.41
CA TRP A 62 25.42 9.45 -3.31
C TRP A 62 24.84 10.34 -4.40
N GLN A 63 23.75 9.89 -5.00
CA GLN A 63 22.94 10.69 -5.91
C GLN A 63 21.50 10.57 -5.43
N GLU A 64 20.88 11.69 -5.11
CA GLU A 64 19.53 11.71 -4.59
C GLU A 64 18.57 12.31 -5.59
N VAL A 65 17.38 11.74 -5.67
CA VAL A 65 16.31 12.25 -6.52
C VAL A 65 14.98 12.11 -5.79
N SER A 66 14.07 13.06 -6.02
CA SER A 66 12.74 12.95 -5.45
C SER A 66 11.94 11.87 -6.16
N GLU A 67 10.87 11.43 -5.49
CA GLU A 67 9.98 10.45 -6.09
C GLU A 67 9.31 11.01 -7.34
N ASP A 68 8.90 12.28 -7.30
CA ASP A 68 8.24 12.88 -8.46
C ASP A 68 9.20 13.02 -9.63
N ALA A 69 10.45 13.39 -9.36
CA ALA A 69 11.43 13.46 -10.43
C ALA A 69 11.76 12.08 -10.99
N TRP A 70 11.90 11.08 -10.12
CA TRP A 70 12.23 9.74 -10.58
C TRP A 70 11.13 9.17 -11.47
N ALA A 71 9.88 9.41 -11.13
CA ALA A 71 8.77 8.90 -11.93
C ALA A 71 8.90 9.33 -13.38
N GLN A 72 9.41 10.53 -13.59
CA GLN A 72 9.57 11.12 -14.93
C GLN A 72 10.88 10.72 -15.61
N GLN A 73 11.88 10.32 -14.85
CA GLN A 73 13.19 10.00 -15.42
C GLN A 73 13.42 8.51 -15.60
N LYS A 74 12.61 7.65 -14.97
CA LYS A 74 12.97 6.23 -14.88
C LYS A 74 13.03 5.58 -16.26
N ASN A 75 12.01 5.79 -17.09
CA ASN A 75 11.97 5.09 -18.38
C ASN A 75 13.14 5.50 -19.26
N ALA A 76 13.42 6.81 -19.33
CA ALA A 76 14.56 7.28 -20.11
C ALA A 76 15.87 6.74 -19.56
N THR A 77 15.98 6.64 -18.24
CA THR A 77 17.21 6.11 -17.63
C THR A 77 17.43 4.66 -18.02
N LEU A 78 16.37 3.85 -17.94
CA LEU A 78 16.48 2.45 -18.36
C LEU A 78 16.80 2.34 -19.85
N ALA A 79 16.09 3.11 -20.68
CA ALA A 79 16.32 3.03 -22.13
C ALA A 79 17.75 3.38 -22.48
N ALA A 80 18.36 4.33 -21.76
CA ALA A 80 19.73 4.72 -22.02
C ALA A 80 20.75 3.81 -21.34
N GLY A 81 20.33 2.96 -20.40
CA GLY A 81 21.27 2.16 -19.65
C GLY A 81 22.17 2.94 -18.73
N LYS A 82 21.80 4.16 -18.35
CA LYS A 82 22.67 4.98 -17.49
C LYS A 82 22.24 4.76 -16.04
N ILE A 83 22.68 3.65 -15.47
CA ILE A 83 22.27 3.29 -14.12
C ILE A 83 23.46 3.36 -13.17
N ALA A 84 23.18 3.79 -11.95
CA ALA A 84 24.20 3.81 -10.91
C ALA A 84 24.59 2.38 -10.54
N ASP A 85 25.76 2.24 -9.91
CA ASP A 85 26.19 0.91 -9.46
C ASP A 85 25.11 0.28 -8.60
N VAL A 86 24.60 1.03 -7.64
CA VAL A 86 23.53 0.61 -6.75
C VAL A 86 22.42 1.63 -6.81
N SER A 87 21.17 1.16 -6.89
CA SER A 87 20.02 2.04 -6.84
C SER A 87 19.04 1.55 -5.78
N LEU A 88 18.57 2.49 -4.96
CA LEU A 88 17.65 2.20 -3.86
C LEU A 88 16.30 2.87 -4.12
N HIS A 89 15.20 2.11 -4.01
CA HIS A 89 13.85 2.65 -4.17
C HIS A 89 13.63 3.13 -5.61
N ALA A 90 14.29 2.46 -6.54
CA ALA A 90 14.30 2.89 -7.94
C ALA A 90 13.65 1.90 -8.89
N PHE A 91 14.00 0.62 -8.81
CA PHE A 91 13.62 -0.38 -9.78
C PHE A 91 12.84 -1.54 -9.16
N PHE A 92 11.68 -1.82 -9.72
CA PHE A 92 10.88 -2.96 -9.34
C PHE A 92 11.30 -4.16 -10.15
N PRO A 93 10.94 -5.36 -9.70
CA PRO A 93 11.25 -6.55 -10.50
C PRO A 93 10.76 -6.44 -11.92
N ALA A 94 9.54 -5.91 -12.12
CA ALA A 94 9.02 -5.78 -13.49
C ALA A 94 9.92 -4.91 -14.35
N ASN A 95 10.53 -3.86 -13.77
CA ASN A 95 11.43 -3.00 -14.55
C ASN A 95 12.68 -3.75 -14.99
N ALA A 96 13.32 -4.47 -14.06
CA ALA A 96 14.51 -5.22 -14.44
C ALA A 96 14.21 -6.28 -15.48
N ALA A 97 13.04 -6.92 -15.39
CA ALA A 97 12.68 -7.96 -16.34
C ALA A 97 12.56 -7.41 -17.75
N GLN A 98 12.14 -6.15 -17.89
CA GLN A 98 12.09 -5.52 -19.21
C GLN A 98 13.48 -5.13 -19.71
N PHE A 99 14.47 -5.02 -18.83
CA PHE A 99 15.84 -4.65 -19.20
C PHE A 99 16.80 -5.58 -18.45
N PRO A 100 16.73 -6.89 -18.72
CA PRO A 100 17.40 -7.85 -17.83
C PRO A 100 18.91 -7.71 -17.79
N GLY A 101 19.55 -7.52 -18.94
CA GLY A 101 21.01 -7.45 -18.99
C GLY A 101 21.60 -6.28 -18.25
N LEU A 102 20.76 -5.33 -17.80
CA LEU A 102 21.23 -4.16 -17.09
C LEU A 102 21.57 -4.46 -15.63
N PHE A 103 21.04 -5.54 -15.07
CA PHE A 103 21.07 -5.76 -13.62
C PHE A 103 21.68 -7.10 -13.25
N GLU A 104 22.44 -7.09 -12.15
CA GLU A 104 22.98 -8.31 -11.59
C GLU A 104 21.85 -9.18 -11.04
N ASP A 105 21.91 -10.47 -11.30
CA ASP A 105 21.00 -11.45 -10.70
C ASP A 105 21.53 -11.72 -9.29
N LEU A 106 20.93 -11.06 -8.31
CA LEU A 106 21.37 -11.16 -6.93
C LEU A 106 21.12 -12.52 -6.30
N SER A 107 20.25 -13.35 -6.90
CA SER A 107 20.06 -14.69 -6.36
C SER A 107 21.34 -15.50 -6.38
N LYS A 108 22.29 -15.17 -7.27
CA LYS A 108 23.58 -15.85 -7.35
C LYS A 108 24.59 -15.30 -6.34
N ASP A 109 24.26 -14.21 -5.65
CA ASP A 109 25.19 -13.49 -4.79
C ASP A 109 24.84 -13.58 -3.32
N LEU A 110 23.90 -14.46 -2.94
CA LEU A 110 23.40 -14.42 -1.58
C LEU A 110 24.45 -14.80 -0.53
N ASP A 111 25.48 -15.54 -0.90
CA ASP A 111 26.47 -15.89 0.10
C ASP A 111 27.30 -14.69 0.52
N LYS A 112 27.36 -13.66 -0.31
CA LYS A 112 28.00 -12.41 0.09
C LYS A 112 27.04 -11.48 0.83
N MET A 113 25.80 -11.91 1.05
CA MET A 113 24.81 -11.10 1.75
C MET A 113 24.12 -11.92 2.84
N PRO A 114 24.88 -12.39 3.83
CA PRO A 114 24.28 -13.23 4.87
C PRO A 114 23.11 -12.58 5.60
N ASN A 115 23.11 -11.24 5.75
CA ASN A 115 22.01 -10.61 6.47
C ASN A 115 20.74 -10.63 5.62
N VAL A 116 20.91 -10.62 4.30
CA VAL A 116 19.78 -10.78 3.37
C VAL A 116 19.30 -12.21 3.38
N LYS A 117 20.22 -13.18 3.43
CA LYS A 117 19.79 -14.57 3.58
C LYS A 117 18.97 -14.76 4.84
N GLN A 118 19.37 -14.11 5.94
CA GLN A 118 18.62 -14.23 7.19
C GLN A 118 17.24 -13.60 7.05
N PHE A 119 17.17 -12.44 6.40
CA PHE A 119 15.88 -11.83 6.08
C PHE A 119 14.98 -12.84 5.38
N PHE A 120 15.51 -13.49 4.34
CA PHE A 120 14.71 -14.43 3.56
C PHE A 120 14.37 -15.69 4.33
N LYS A 121 15.24 -16.13 5.24
CA LYS A 121 14.92 -17.27 6.10
C LYS A 121 13.74 -16.96 7.01
N GLU A 122 13.78 -15.79 7.66
CA GLU A 122 12.73 -15.41 8.59
C GLU A 122 11.45 -14.97 7.88
N LYS A 123 11.57 -14.38 6.68
CA LYS A 123 10.43 -13.85 5.93
C LYS A 123 10.48 -14.36 4.49
N PRO A 124 10.18 -15.65 4.27
CA PRO A 124 10.31 -16.21 2.91
C PRO A 124 9.47 -15.54 1.85
N ASP A 125 8.33 -14.94 2.21
CA ASP A 125 7.48 -14.31 1.22
C ASP A 125 8.09 -13.02 0.70
N ALA A 126 9.03 -12.45 1.45
CA ALA A 126 9.76 -11.29 0.94
C ALA A 126 10.64 -11.69 -0.23
N GLN A 127 11.32 -12.83 -0.11
CA GLN A 127 12.13 -13.30 -1.24
C GLN A 127 11.26 -13.58 -2.45
N LYS A 128 10.09 -14.18 -2.25
CA LYS A 128 9.20 -14.44 -3.37
C LYS A 128 8.79 -13.15 -4.08
N LEU A 129 8.65 -12.06 -3.32
CA LEU A 129 8.17 -10.82 -3.89
C LEU A 129 9.04 -10.32 -5.03
N THR A 130 10.36 -10.59 -4.98
CA THR A 130 11.26 -10.07 -6.00
C THR A 130 11.93 -11.16 -6.84
N THR A 131 11.50 -12.41 -6.72
CA THR A 131 12.12 -13.54 -7.40
C THR A 131 11.14 -14.11 -8.41
N ASP A 132 11.58 -14.23 -9.66
CA ASP A 132 10.72 -14.80 -10.70
C ASP A 132 10.69 -16.32 -10.61
N PRO A 133 9.76 -16.97 -11.31
CA PRO A 133 9.66 -18.43 -11.19
C PRO A 133 10.89 -19.15 -11.73
N GLU A 134 11.65 -18.52 -12.63
CA GLU A 134 12.93 -19.06 -13.05
C GLU A 134 14.02 -18.84 -12.02
N GLY A 135 13.74 -18.09 -10.95
CA GLY A 135 14.65 -17.99 -9.84
C GLY A 135 15.55 -16.77 -9.88
N HIS A 136 15.42 -15.92 -10.88
CA HIS A 136 16.23 -14.70 -10.90
C HIS A 136 15.64 -13.67 -9.96
N MET A 137 16.53 -12.89 -9.35
CA MET A 137 16.13 -11.81 -8.45
C MET A 137 17.01 -10.61 -8.76
N TYR A 138 16.42 -9.56 -9.30
CA TYR A 138 17.16 -8.35 -9.67
C TYR A 138 16.93 -7.19 -8.72
N ALA A 139 16.08 -7.38 -7.71
CA ALA A 139 15.79 -6.35 -6.73
C ALA A 139 15.67 -7.02 -5.38
N LEU A 140 16.11 -6.32 -4.34
CA LEU A 140 15.84 -6.79 -3.00
C LEU A 140 14.61 -6.09 -2.44
N PRO A 141 13.80 -6.78 -1.66
CA PRO A 141 12.69 -6.13 -0.98
C PRO A 141 13.14 -5.53 0.34
N SER A 142 12.22 -4.80 0.98
CA SER A 142 12.39 -4.36 2.36
C SER A 142 11.22 -4.86 3.21
N SER A 143 11.42 -4.85 4.54
CA SER A 143 10.35 -5.09 5.50
C SER A 143 10.44 -4.09 6.63
N ARG A 144 9.37 -3.34 6.86
CA ARG A 144 9.30 -2.46 8.03
C ARG A 144 8.74 -3.16 9.26
N GLY A 145 8.55 -4.48 9.19
CA GLY A 145 8.37 -5.25 10.40
C GLY A 145 6.94 -5.62 10.70
N LYS A 146 6.81 -6.41 11.76
CA LYS A 146 5.54 -7.10 12.04
C LYS A 146 4.41 -6.16 12.45
N SER A 147 4.67 -4.93 12.89
CA SER A 147 3.54 -4.06 13.14
C SER A 147 2.80 -3.67 11.88
N TYR A 148 3.41 -3.89 10.71
CA TYR A 148 2.86 -3.51 9.42
C TYR A 148 2.42 -4.71 8.59
N SER A 149 2.28 -5.88 9.20
CA SER A 149 1.90 -7.06 8.44
C SER A 149 0.44 -7.07 8.02
N GLY A 150 -0.41 -6.25 8.66
CA GLY A 150 -1.81 -6.14 8.29
C GLY A 150 -2.02 -5.21 7.12
N THR A 151 -3.29 -5.02 6.76
CA THR A 151 -3.63 -4.17 5.62
C THR A 151 -3.48 -2.68 5.95
N GLY A 152 -3.30 -1.90 4.90
CA GLY A 152 -3.36 -0.45 5.00
C GLY A 152 -4.75 0.13 4.91
N GLN A 153 -5.74 -0.71 4.64
CA GLN A 153 -7.10 -0.28 4.35
C GLN A 153 -8.00 -0.50 5.56
N HIS A 154 -8.79 0.52 5.93
CA HIS A 154 -9.68 0.44 7.08
C HIS A 154 -10.93 1.28 6.84
N MET A 155 -12.01 0.93 7.56
CA MET A 155 -13.26 1.68 7.53
C MET A 155 -13.47 2.25 8.93
N PHE A 156 -13.56 3.56 9.04
CA PHE A 156 -13.74 4.25 10.31
C PHE A 156 -15.17 4.78 10.46
N ILE A 157 -15.66 4.79 11.70
CA ILE A 157 -16.94 5.41 12.02
C ILE A 157 -16.78 6.27 13.27
N ASN A 158 -17.59 7.32 13.33
CA ASN A 158 -17.63 8.22 14.50
C ASN A 158 -18.46 7.54 15.57
N LYS A 159 -17.76 6.86 16.50
CA LYS A 159 -18.40 6.16 17.60
C LYS A 159 -19.05 7.14 18.59
N THR A 160 -18.47 8.34 18.76
CA THR A 160 -19.11 9.34 19.61
C THR A 160 -20.50 9.67 19.07
N TRP A 161 -20.63 9.78 17.76
CA TRP A 161 -21.94 10.03 17.15
C TRP A 161 -22.88 8.86 17.36
N LEU A 162 -22.40 7.62 17.12
CA LEU A 162 -23.25 6.46 17.36
C LEU A 162 -23.77 6.47 18.79
N ASP A 163 -22.89 6.75 19.74
CA ASP A 163 -23.24 6.71 21.16
C ASP A 163 -24.27 7.78 21.49
N LYS A 164 -24.04 9.00 21.01
CA LYS A 164 -24.95 10.12 21.28
C LYS A 164 -26.34 9.87 20.71
N LEU A 165 -26.43 9.17 19.58
CA LEU A 165 -27.72 8.92 18.94
C LEU A 165 -28.35 7.60 19.35
N GLY A 166 -27.67 6.81 20.17
CA GLY A 166 -28.22 5.53 20.57
C GLY A 166 -28.28 4.52 19.43
N LEU A 167 -27.21 4.45 18.64
CA LEU A 167 -27.06 3.53 17.53
C LEU A 167 -25.95 2.53 17.81
N GLN A 168 -26.14 1.31 17.33
CA GLN A 168 -25.09 0.30 17.37
C GLN A 168 -24.24 0.41 16.11
N VAL A 169 -23.04 -0.13 16.20
CA VAL A 169 -22.18 -0.25 15.00
C VAL A 169 -22.93 -1.05 13.94
N PRO A 170 -23.03 -0.58 12.70
CA PRO A 170 -23.82 -1.31 11.69
C PRO A 170 -23.08 -2.53 11.18
N THR A 171 -23.85 -3.61 10.95
CA THR A 171 -23.28 -4.87 10.47
C THR A 171 -23.85 -5.35 9.15
N THR A 172 -24.77 -4.60 8.53
CA THR A 172 -25.28 -4.89 7.21
C THR A 172 -25.39 -3.57 6.43
N TRP A 173 -25.48 -3.66 5.10
CA TRP A 173 -25.70 -2.45 4.29
C TRP A 173 -26.96 -1.68 4.72
N ASP A 174 -28.03 -2.40 5.09
CA ASP A 174 -29.24 -1.69 5.52
C ASP A 174 -29.01 -0.93 6.83
N GLU A 175 -28.34 -1.57 7.80
CA GLU A 175 -28.02 -0.90 9.05
C GLU A 175 -27.10 0.28 8.82
N LEU A 176 -26.15 0.14 7.88
CA LEU A 176 -25.28 1.28 7.56
C LEU A 176 -26.08 2.44 6.99
N GLU A 177 -27.00 2.16 6.06
CA GLU A 177 -27.81 3.23 5.50
C GLU A 177 -28.60 3.94 6.60
N ASN A 178 -29.17 3.16 7.54
CA ASN A 178 -29.94 3.77 8.62
C ASN A 178 -29.08 4.69 9.48
N VAL A 179 -27.87 4.23 9.82
CA VAL A 179 -26.93 5.06 10.59
C VAL A 179 -26.62 6.35 9.84
N LEU A 180 -26.36 6.25 8.53
CA LEU A 180 -25.97 7.43 7.78
C LEU A 180 -27.13 8.44 7.71
N LYS A 181 -28.37 7.96 7.58
CA LYS A 181 -29.52 8.87 7.60
C LYS A 181 -29.61 9.61 8.93
N ALA A 182 -29.35 8.91 10.03
CA ALA A 182 -29.34 9.56 11.34
C ALA A 182 -28.24 10.59 11.43
N PHE A 183 -27.04 10.27 10.94
CA PHE A 183 -25.96 11.25 10.90
C PHE A 183 -26.37 12.48 10.10
N LYS A 184 -27.11 12.26 9.01
CA LYS A 184 -27.46 13.36 8.14
C LYS A 184 -28.42 14.32 8.83
N THR A 185 -29.37 13.79 9.59
CA THR A 185 -30.51 14.62 10.02
C THR A 185 -30.53 14.96 11.49
N GLU A 186 -29.76 14.26 12.33
CA GLU A 186 -29.86 14.40 13.78
C GLU A 186 -28.73 15.23 14.39
N ASP A 187 -27.96 15.97 13.61
CA ASP A 187 -26.99 16.92 14.13
C ASP A 187 -26.09 16.30 15.21
N PRO A 188 -25.45 15.17 14.93
CA PRO A 188 -24.65 14.53 15.99
C PRO A 188 -23.52 15.39 16.50
N ASN A 189 -22.99 16.31 15.70
CA ASN A 189 -21.91 17.16 16.21
C ASN A 189 -22.42 18.37 16.99
N GLY A 190 -23.73 18.56 17.08
CA GLY A 190 -24.33 19.49 18.03
C GLY A 190 -24.30 20.94 17.66
N ASN A 191 -23.88 21.30 16.46
CA ASN A 191 -23.72 22.73 16.16
C ASN A 191 -24.95 23.36 15.54
N GLY A 192 -26.03 22.61 15.38
CA GLY A 192 -27.24 23.08 14.74
C GLY A 192 -27.23 23.08 13.23
N GLN A 193 -26.07 23.00 12.59
CA GLN A 193 -25.99 23.05 11.14
C GLN A 193 -26.06 21.64 10.57
N ALA A 194 -26.66 21.52 9.38
CA ALA A 194 -26.65 20.24 8.65
C ALA A 194 -25.34 20.15 7.86
N ASP A 195 -24.24 20.10 8.61
CA ASP A 195 -22.91 20.10 8.04
C ASP A 195 -22.29 18.71 8.04
N GLU A 196 -22.94 17.75 8.71
CA GLU A 196 -22.43 16.40 8.75
C GLU A 196 -22.39 15.80 7.35
N ILE A 197 -21.24 15.23 7.03
CA ILE A 197 -21.08 14.38 5.84
C ILE A 197 -21.20 12.95 6.33
N PRO A 198 -22.33 12.27 6.11
CA PRO A 198 -22.49 10.95 6.73
C PRO A 198 -21.39 9.99 6.35
N MET A 199 -21.11 9.84 5.06
CA MET A 199 -20.03 9.02 4.56
C MET A 199 -19.31 9.80 3.47
N ASN A 200 -17.98 9.82 3.52
CA ASN A 200 -17.16 10.46 2.52
C ASN A 200 -16.28 9.43 1.83
N ILE A 201 -16.25 9.49 0.49
CA ILE A 201 -15.46 8.58 -0.31
C ILE A 201 -14.60 9.39 -1.27
N ARG A 202 -13.45 8.81 -1.63
CA ARG A 202 -12.53 9.36 -2.59
C ARG A 202 -13.06 9.22 -4.01
N LYS A 203 -12.63 10.14 -4.88
CA LYS A 203 -12.92 10.01 -6.29
C LYS A 203 -12.15 8.82 -6.85
N LEU A 204 -12.48 8.45 -8.07
CA LEU A 204 -11.82 7.32 -8.72
C LEU A 204 -10.54 7.77 -9.43
N ASP A 205 -9.74 6.78 -9.81
CA ASP A 205 -8.48 6.95 -10.53
C ASP A 205 -8.46 5.86 -11.60
N SER A 206 -7.31 5.67 -12.24
CA SER A 206 -7.19 4.66 -13.29
C SER A 206 -6.96 3.26 -12.74
N TYR A 207 -6.85 3.15 -11.43
CA TYR A 207 -6.76 1.90 -10.70
C TYR A 207 -7.51 2.13 -9.39
N PHE A 208 -7.85 1.04 -8.68
CA PHE A 208 -8.51 1.18 -7.38
C PHE A 208 -7.46 1.54 -6.34
N THR A 209 -7.61 2.74 -5.76
CA THR A 209 -6.57 3.37 -4.95
C THR A 209 -6.63 2.89 -3.50
N TYR A 210 -5.63 3.27 -2.72
CA TYR A 210 -5.77 3.20 -1.29
C TYR A 210 -7.07 3.87 -0.89
N TYR A 211 -7.77 3.28 0.05
CA TYR A 211 -8.99 3.87 0.63
C TYR A 211 -10.10 4.02 -0.40
N SER A 212 -10.06 3.19 -1.44
CA SER A 212 -11.05 3.25 -2.49
C SER A 212 -12.45 2.97 -1.94
N PRO A 213 -13.49 3.66 -2.45
CA PRO A 213 -14.87 3.26 -2.11
C PRO A 213 -15.13 1.79 -2.43
N MET A 214 -14.36 1.22 -3.36
CA MET A 214 -14.61 -0.19 -3.70
C MET A 214 -14.12 -1.15 -2.65
N LEU A 215 -13.61 -0.65 -1.54
CA LEU A 215 -13.43 -1.52 -0.38
C LEU A 215 -14.74 -2.17 0.05
N LEU A 216 -15.89 -1.63 -0.34
CA LEU A 216 -17.17 -2.30 -0.07
C LEU A 216 -17.32 -3.63 -0.82
N LEU A 217 -16.45 -3.92 -1.78
CA LEU A 217 -16.47 -5.26 -2.37
C LEU A 217 -16.28 -6.34 -1.31
N ASN A 218 -15.54 -6.02 -0.23
CA ASN A 218 -15.35 -7.00 0.83
C ASN A 218 -16.68 -7.39 1.49
N SER A 219 -17.63 -6.46 1.51
CA SER A 219 -18.98 -6.73 2.02
C SER A 219 -19.64 -7.86 1.27
N THR A 220 -19.28 -8.04 0.01
CA THR A 220 -19.92 -9.02 -0.87
C THR A 220 -19.24 -10.36 -0.87
N GLY A 221 -18.13 -10.49 -0.16
CA GLY A 221 -17.39 -11.73 -0.13
C GLY A 221 -16.23 -11.82 -1.10
N ILE A 222 -15.88 -10.72 -1.78
CA ILE A 222 -14.71 -10.63 -2.64
C ILE A 222 -13.59 -9.94 -1.87
N VAL A 223 -12.46 -10.64 -1.71
CA VAL A 223 -11.33 -10.09 -0.95
C VAL A 223 -10.57 -9.11 -1.84
N THR A 224 -10.48 -7.86 -1.39
CA THR A 224 -9.66 -6.87 -2.09
C THR A 224 -8.22 -6.89 -1.60
N GLY A 225 -7.34 -6.30 -2.41
CA GLY A 225 -5.92 -6.20 -2.05
C GLY A 225 -5.35 -4.90 -2.56
N PHE A 226 -5.85 -3.81 -2.01
CA PHE A 226 -5.62 -2.51 -2.60
C PHE A 226 -4.29 -1.85 -2.20
N ASN A 227 -3.44 -2.46 -1.38
CA ASN A 227 -2.13 -1.87 -1.16
C ASN A 227 -1.29 -1.95 -2.44
N LYS A 228 -1.40 -3.05 -3.18
CA LYS A 228 -0.51 -3.35 -4.31
C LYS A 228 -0.95 -4.67 -4.96
N GLY A 229 -0.55 -4.84 -6.21
CA GLY A 229 -0.72 -6.10 -6.91
C GLY A 229 -1.83 -6.10 -7.94
N ALA A 230 -2.43 -7.27 -8.14
CA ALA A 230 -3.43 -7.42 -9.20
C ALA A 230 -4.77 -6.81 -8.83
N SER A 231 -5.11 -6.78 -7.54
CA SER A 231 -6.41 -6.30 -7.14
C SER A 231 -6.70 -4.86 -7.54
N PRO A 232 -5.77 -3.92 -7.43
CA PRO A 232 -6.07 -2.56 -7.91
C PRO A 232 -6.43 -2.47 -9.37
N THR A 233 -6.15 -3.49 -10.18
CA THR A 233 -6.51 -3.48 -11.59
C THR A 233 -7.75 -4.28 -11.89
N GLY A 234 -8.44 -4.80 -10.88
CA GLY A 234 -9.75 -5.39 -11.06
C GLY A 234 -9.82 -6.91 -10.94
N PHE A 235 -8.84 -7.56 -10.35
CA PHE A 235 -8.80 -9.02 -10.27
C PHE A 235 -8.88 -9.52 -8.83
N TYR A 236 -9.39 -10.74 -8.69
CA TYR A 236 -9.48 -11.41 -7.40
C TYR A 236 -9.38 -12.90 -7.63
N ALA A 237 -9.30 -13.63 -6.52
CA ALA A 237 -9.30 -15.08 -6.58
C ALA A 237 -10.26 -15.63 -5.53
N LYS A 238 -10.87 -16.77 -5.84
CA LYS A 238 -11.66 -17.50 -4.87
C LYS A 238 -11.53 -18.98 -5.20
N ASN A 239 -11.24 -19.80 -4.19
CA ASN A 239 -11.11 -21.23 -4.40
C ASN A 239 -10.09 -21.57 -5.47
N GLY A 240 -9.02 -20.78 -5.59
CA GLY A 240 -7.96 -21.02 -6.54
C GLY A 240 -8.27 -20.61 -7.97
N VAL A 241 -9.38 -19.91 -8.18
CA VAL A 241 -9.84 -19.49 -9.50
C VAL A 241 -9.76 -17.97 -9.55
N VAL A 242 -9.04 -17.45 -10.54
CA VAL A 242 -8.92 -16.01 -10.73
C VAL A 242 -10.07 -15.50 -11.59
N LYS A 243 -10.63 -14.37 -11.18
CA LYS A 243 -11.70 -13.71 -11.92
C LYS A 243 -11.46 -12.20 -11.89
N SER A 244 -12.19 -11.49 -12.75
CA SER A 244 -12.26 -10.04 -12.63
C SER A 244 -13.54 -9.63 -11.94
N PHE A 245 -13.43 -8.73 -10.97
CA PHE A 245 -14.65 -8.23 -10.37
C PHE A 245 -15.30 -7.12 -11.19
N LEU A 246 -14.63 -6.65 -12.25
CA LEU A 246 -15.14 -5.52 -13.01
C LEU A 246 -16.45 -5.82 -13.68
N THR A 247 -16.75 -7.10 -13.95
CA THR A 247 -17.99 -7.53 -14.57
C THR A 247 -18.84 -8.40 -13.65
N SER A 248 -18.59 -8.33 -12.34
CA SER A 248 -19.28 -9.18 -11.39
C SER A 248 -20.57 -8.54 -10.90
N ASP A 249 -21.54 -9.37 -10.56
CA ASP A 249 -22.74 -8.88 -9.89
C ASP A 249 -22.38 -8.14 -8.60
N GLU A 250 -21.33 -8.58 -7.91
CA GLU A 250 -20.91 -7.92 -6.67
C GLU A 250 -20.55 -6.46 -6.91
N TYR A 251 -19.75 -6.19 -7.96
CA TYR A 251 -19.37 -4.82 -8.30
C TYR A 251 -20.61 -4.00 -8.68
N LYS A 252 -21.50 -4.60 -9.48
CA LYS A 252 -22.75 -3.93 -9.80
C LYS A 252 -23.53 -3.54 -8.55
N GLN A 253 -23.63 -4.46 -7.58
CA GLN A 253 -24.38 -4.19 -6.36
C GLN A 253 -23.74 -3.10 -5.52
N VAL A 254 -22.40 -3.07 -5.44
CA VAL A 254 -21.72 -1.99 -4.73
C VAL A 254 -22.06 -0.65 -5.37
N ILE A 255 -22.00 -0.59 -6.71
CA ILE A 255 -22.31 0.65 -7.41
C ILE A 255 -23.75 1.09 -7.12
N LYS A 256 -24.70 0.16 -7.16
CA LYS A 256 -26.10 0.51 -6.92
C LYS A 256 -26.28 1.02 -5.49
N TYR A 257 -25.60 0.40 -4.53
CA TYR A 257 -25.70 0.85 -3.14
C TYR A 257 -25.16 2.26 -3.00
N TYR A 258 -23.99 2.52 -3.58
CA TYR A 258 -23.44 3.88 -3.53
C TYR A 258 -24.38 4.86 -4.20
N HIS A 259 -25.01 4.47 -5.32
CA HIS A 259 -25.91 5.43 -5.95
C HIS A 259 -27.10 5.74 -5.06
N LYS A 260 -27.61 4.72 -4.35
CA LYS A 260 -28.69 4.96 -3.42
C LYS A 260 -28.26 5.95 -2.35
N LEU A 261 -27.10 5.72 -1.74
CA LEU A 261 -26.58 6.63 -0.73
C LEU A 261 -26.41 8.04 -1.28
N ILE A 262 -25.78 8.16 -2.44
CA ILE A 262 -25.55 9.47 -3.05
C ILE A 262 -26.87 10.16 -3.33
N SER A 263 -27.85 9.42 -3.87
CA SER A 263 -29.14 10.01 -4.21
C SER A 263 -29.89 10.49 -2.97
N GLU A 264 -29.57 9.93 -1.80
CA GLU A 264 -30.17 10.30 -0.53
C GLU A 264 -29.38 11.38 0.20
N GLY A 265 -28.34 11.95 -0.43
CA GLY A 265 -27.56 12.97 0.21
C GLY A 265 -26.68 12.47 1.32
N LEU A 266 -26.33 11.17 1.32
CA LEU A 266 -25.51 10.61 2.39
C LEU A 266 -24.02 10.60 2.08
N ILE A 267 -23.66 10.87 0.82
CA ILE A 267 -22.29 11.07 0.34
C ILE A 267 -22.30 12.37 -0.43
N PRO A 268 -21.23 13.18 -0.42
CA PRO A 268 -21.28 14.46 -1.15
C PRO A 268 -21.55 14.28 -2.63
N ALA A 269 -22.44 15.11 -3.16
CA ALA A 269 -22.81 15.00 -4.57
C ALA A 269 -21.62 15.20 -5.50
N ASP A 270 -20.61 15.97 -5.09
CA ASP A 270 -19.43 16.20 -5.92
C ASP A 270 -18.26 15.29 -5.55
N TRP A 271 -18.54 14.13 -4.95
CA TRP A 271 -17.46 13.22 -4.53
C TRP A 271 -16.54 12.88 -5.69
N ALA A 272 -17.08 12.81 -6.92
CA ALA A 272 -16.31 12.30 -8.05
C ALA A 272 -15.27 13.29 -8.57
N THR A 273 -15.35 14.57 -8.18
CA THR A 273 -14.43 15.57 -8.66
C THR A 273 -13.56 16.16 -7.56
N LYS A 274 -13.81 15.82 -6.30
CA LYS A 274 -13.03 16.36 -5.19
C LYS A 274 -11.63 15.76 -5.22
N THR A 275 -10.60 16.58 -4.98
CA THR A 275 -9.26 16.04 -4.87
C THR A 275 -9.15 15.14 -3.64
N PHE A 276 -8.20 14.20 -3.67
CA PHE A 276 -7.94 13.41 -2.47
C PHE A 276 -7.62 14.31 -1.28
N ASP A 277 -6.86 15.39 -1.52
CA ASP A 277 -6.53 16.30 -0.42
C ASP A 277 -7.78 16.97 0.14
N ALA A 278 -8.67 17.43 -0.75
CA ALA A 278 -9.90 18.07 -0.28
C ALA A 278 -10.73 17.09 0.52
N CYS A 279 -10.77 15.84 0.09
CA CYS A 279 -11.52 14.83 0.82
C CYS A 279 -10.92 14.62 2.20
N ASP A 280 -9.59 14.55 2.29
CA ASP A 280 -8.93 14.47 3.58
C ASP A 280 -9.24 15.67 4.46
N THR A 281 -9.29 16.87 3.85
CA THR A 281 -9.55 18.08 4.62
C THR A 281 -10.94 18.04 5.24
N ASP A 282 -11.91 17.45 4.54
CA ASP A 282 -13.24 17.27 5.14
C ASP A 282 -13.14 16.53 6.45
N GLN A 283 -12.44 15.40 6.47
CA GLN A 283 -12.41 14.58 7.68
C GLN A 283 -11.67 15.27 8.82
N LEU A 284 -10.59 15.99 8.51
CA LEU A 284 -9.81 16.65 9.56
C LEU A 284 -10.55 17.86 10.14
N SER A 285 -11.37 18.51 9.32
CA SER A 285 -12.16 19.64 9.77
C SER A 285 -11.24 20.68 10.41
N ASP A 286 -11.66 21.30 11.51
CA ASP A 286 -10.83 22.28 12.20
C ASP A 286 -10.13 21.69 13.42
N GLY A 287 -10.13 20.37 13.59
CA GLY A 287 -9.57 19.74 14.77
C GLY A 287 -10.50 19.74 15.98
N LYS A 288 -11.63 20.45 15.91
CA LYS A 288 -12.53 20.60 17.04
C LYS A 288 -13.92 20.07 16.76
N THR A 289 -14.48 20.38 15.60
CA THR A 289 -15.82 19.92 15.21
C THR A 289 -15.67 18.83 14.17
N ALA A 290 -16.06 17.61 14.53
CA ALA A 290 -16.06 16.52 13.57
C ALA A 290 -17.12 16.75 12.51
N LYS A 291 -16.79 16.40 11.26
CA LYS A 291 -17.69 16.57 10.12
C LYS A 291 -18.15 15.28 9.47
N THR A 292 -17.33 14.22 9.48
CA THR A 292 -17.61 13.02 8.69
C THR A 292 -17.95 11.83 9.58
N GLY A 293 -18.99 11.09 9.19
CA GLY A 293 -19.45 9.96 9.96
C GLY A 293 -18.64 8.69 9.67
N VAL A 294 -18.41 8.41 8.39
CA VAL A 294 -17.78 7.18 7.93
C VAL A 294 -16.79 7.51 6.82
N SER A 295 -15.60 6.93 6.88
CA SER A 295 -14.62 7.10 5.82
C SER A 295 -13.65 5.93 5.82
N PHE A 296 -12.90 5.80 4.73
CA PHE A 296 -11.85 4.80 4.64
C PHE A 296 -10.49 5.44 4.81
N GLY A 297 -9.57 4.75 5.48
CA GLY A 297 -8.26 5.33 5.68
C GLY A 297 -7.28 4.37 6.30
N TRP A 298 -6.14 4.94 6.72
CA TRP A 298 -4.97 4.23 7.24
C TRP A 298 -5.02 4.07 8.75
N SER A 299 -5.25 5.15 9.48
CA SER A 299 -5.36 5.12 10.95
C SER A 299 -6.21 6.31 11.38
N GLN A 300 -6.78 6.21 12.58
CA GLN A 300 -7.59 7.33 13.07
C GLN A 300 -6.76 8.60 13.15
N ASP A 301 -5.50 8.49 13.58
CA ASP A 301 -4.68 9.70 13.65
C ASP A 301 -4.47 10.31 12.28
N ALA A 302 -4.13 9.50 11.29
CA ALA A 302 -3.85 10.06 9.96
C ALA A 302 -5.11 10.65 9.35
N SER A 303 -6.26 10.02 9.56
CA SER A 303 -7.51 10.49 8.96
C SER A 303 -8.09 11.70 9.69
N PHE A 304 -7.98 11.74 11.01
CA PHE A 304 -8.78 12.65 11.82
C PHE A 304 -8.00 13.54 12.77
N GLY A 305 -6.70 13.32 12.94
CA GLY A 305 -5.93 14.22 13.79
C GLY A 305 -6.47 14.31 15.20
N THR A 306 -6.61 15.53 15.70
CA THR A 306 -7.06 15.69 17.08
C THR A 306 -8.50 15.24 17.30
N LEU A 307 -9.24 14.93 16.24
CA LEU A 307 -10.58 14.37 16.39
C LEU A 307 -10.57 12.85 16.51
N LYS A 308 -9.38 12.24 16.55
CA LYS A 308 -9.29 10.78 16.42
C LYS A 308 -9.98 10.02 17.53
N ASP A 309 -10.07 10.58 18.75
CA ASP A 309 -10.65 9.74 19.80
C ASP A 309 -12.16 9.56 19.63
N GLN A 310 -12.79 10.22 18.65
CA GLN A 310 -14.20 9.96 18.35
C GLN A 310 -14.39 8.78 17.40
N TYR A 311 -13.31 8.24 16.81
CA TYR A 311 -13.42 7.32 15.69
C TYR A 311 -12.85 5.96 16.03
N ILE A 312 -13.52 4.92 15.53
CA ILE A 312 -13.02 3.56 15.65
C ILE A 312 -13.00 2.88 14.29
N PRO A 313 -12.15 1.88 14.10
CA PRO A 313 -12.23 1.04 12.90
C PRO A 313 -13.31 0.00 13.15
N ILE A 314 -14.15 -0.21 12.15
CA ILE A 314 -15.17 -1.26 12.25
C ILE A 314 -15.03 -2.34 11.19
N PRO A 315 -15.40 -3.57 11.51
CA PRO A 315 -15.55 -4.56 10.45
C PRO A 315 -16.52 -4.04 9.39
N VAL A 316 -16.32 -4.44 8.15
CA VAL A 316 -17.18 -3.89 7.10
C VAL A 316 -18.57 -4.48 7.22
N PRO A 317 -19.65 -3.70 7.07
CA PRO A 317 -20.99 -4.29 7.06
C PRO A 317 -21.19 -5.25 5.89
N SER A 318 -21.98 -6.32 6.14
CA SER A 318 -22.26 -7.34 5.15
C SER A 318 -23.28 -6.85 4.12
N ALA A 319 -23.05 -7.20 2.87
CA ALA A 319 -24.03 -6.94 1.82
C ALA A 319 -25.18 -7.94 1.94
N PRO A 320 -26.35 -7.61 1.40
CA PRO A 320 -27.46 -8.55 1.40
C PRO A 320 -27.07 -9.90 0.80
N GLY A 321 -27.45 -10.97 1.48
CA GLY A 321 -27.18 -12.31 1.02
C GLY A 321 -25.88 -12.90 1.53
N VAL A 322 -25.03 -12.10 2.15
CA VAL A 322 -23.68 -12.52 2.55
C VAL A 322 -23.66 -12.66 4.06
N SER A 323 -23.37 -13.87 4.54
CA SER A 323 -23.36 -14.11 5.96
C SER A 323 -22.16 -13.43 6.61
N PRO A 324 -22.22 -13.19 7.93
CA PRO A 324 -21.03 -12.66 8.61
C PRO A 324 -19.78 -13.49 8.32
N ASP A 325 -19.91 -14.82 8.31
CA ASP A 325 -18.75 -15.68 8.11
C ASP A 325 -18.20 -15.60 6.69
N LYS A 326 -19.00 -15.18 5.72
CA LYS A 326 -18.58 -15.06 4.34
C LYS A 326 -18.14 -13.64 4.01
N THR A 327 -18.32 -12.69 4.92
CA THR A 327 -17.89 -11.32 4.73
C THR A 327 -16.40 -11.24 5.06
N VAL A 328 -15.64 -10.56 4.21
CA VAL A 328 -14.19 -10.55 4.30
C VAL A 328 -13.73 -9.11 4.53
N TRP A 329 -12.41 -8.92 4.62
CA TRP A 329 -11.82 -7.60 4.58
C TRP A 329 -10.54 -7.69 3.75
N ASP A 330 -10.06 -6.53 3.31
CA ASP A 330 -8.90 -6.43 2.44
C ASP A 330 -7.74 -7.26 2.99
N GLY A 331 -7.10 -8.01 2.09
CA GLY A 331 -6.07 -8.94 2.47
C GLY A 331 -4.65 -8.46 2.30
N SER A 332 -4.45 -7.17 2.09
CA SER A 332 -3.11 -6.68 1.84
C SER A 332 -2.25 -6.73 3.10
N SER A 333 -0.96 -6.47 2.86
CA SER A 333 0.05 -6.32 3.88
C SER A 333 0.82 -5.04 3.61
N ALA A 334 1.03 -4.25 4.66
CA ALA A 334 1.80 -3.03 4.55
C ALA A 334 3.28 -3.25 4.83
N GLU A 335 3.73 -4.49 4.90
CA GLU A 335 5.06 -4.74 5.47
C GLU A 335 6.19 -4.60 4.44
N PHE A 336 6.01 -5.14 3.23
CA PHE A 336 7.08 -5.30 2.24
C PHE A 336 6.96 -4.32 1.08
N GLU A 337 8.12 -3.94 0.54
CA GLU A 337 8.23 -3.19 -0.71
C GLU A 337 9.26 -3.91 -1.57
N ALA A 338 9.07 -3.83 -2.88
CA ALA A 338 9.79 -4.71 -3.81
C ALA A 338 10.91 -4.05 -4.60
N ASP A 339 11.22 -2.77 -4.34
CA ASP A 339 12.08 -1.98 -5.21
C ASP A 339 13.29 -1.42 -4.47
N ARG A 340 13.89 -2.16 -3.57
CA ARG A 340 14.74 -1.52 -2.57
C ARG A 340 16.26 -1.71 -2.73
N PHE A 341 16.71 -2.51 -3.68
CA PHE A 341 18.15 -2.57 -3.97
C PHE A 341 18.37 -3.28 -5.30
N SER A 342 19.03 -2.61 -6.25
CA SER A 342 19.43 -3.27 -7.49
C SER A 342 20.86 -2.87 -7.81
N LEU A 343 21.61 -3.82 -8.35
CA LEU A 343 23.03 -3.66 -8.65
C LEU A 343 23.22 -3.69 -10.16
N SER A 344 23.93 -2.71 -10.69
CA SER A 344 24.22 -2.71 -12.12
C SER A 344 25.08 -3.91 -12.48
N SER A 345 24.74 -4.57 -13.58
CA SER A 345 25.55 -5.67 -14.06
C SER A 345 26.93 -5.21 -14.48
N HIS A 346 27.12 -3.91 -14.68
CA HIS A 346 28.41 -3.38 -15.09
C HIS A 346 29.06 -2.54 -14.00
N ALA A 347 28.59 -2.65 -12.76
CA ALA A 347 29.24 -1.97 -11.66
C ALA A 347 30.68 -2.45 -11.52
N ALA A 348 31.59 -1.50 -11.32
CA ALA A 348 33.02 -1.82 -11.26
C ALA A 348 33.36 -2.67 -10.05
N ASN A 349 32.82 -2.34 -8.89
CA ASN A 349 33.24 -2.94 -7.62
C ASN A 349 32.04 -3.68 -6.99
N LYS A 350 31.70 -4.83 -7.56
CA LYS A 350 30.51 -5.54 -7.12
C LYS A 350 30.66 -6.12 -5.71
N ASP A 351 31.88 -6.49 -5.31
CA ASP A 351 32.08 -6.97 -3.95
C ASP A 351 31.78 -5.89 -2.94
N ALA A 352 32.27 -4.67 -3.18
CA ALA A 352 31.97 -3.56 -2.31
C ALA A 352 30.47 -3.27 -2.28
N ALA A 353 29.81 -3.36 -3.44
CA ALA A 353 28.38 -3.09 -3.50
C ALA A 353 27.58 -4.15 -2.75
N LEU A 354 27.98 -5.42 -2.86
CA LEU A 354 27.33 -6.50 -2.13
C LEU A 354 27.58 -6.40 -0.63
N LYS A 355 28.78 -5.94 -0.24
CA LYS A 355 29.03 -5.67 1.16
C LYS A 355 28.13 -4.56 1.66
N LEU A 356 27.93 -3.52 0.84
CA LEU A 356 27.00 -2.45 1.19
C LEU A 356 25.58 -2.97 1.39
N ALA A 357 25.10 -3.83 0.49
CA ALA A 357 23.79 -4.46 0.68
C ALA A 357 23.75 -5.21 2.00
N ASN A 358 24.76 -6.03 2.25
CA ASN A 358 24.75 -6.82 3.47
C ASN A 358 24.65 -5.92 4.69
N LEU A 359 25.36 -4.79 4.68
CA LEU A 359 25.35 -3.90 5.83
C LEU A 359 24.02 -3.16 5.96
N LEU A 360 23.44 -2.71 4.83
CA LEU A 360 22.12 -2.08 4.86
C LEU A 360 21.10 -2.97 5.55
N TYR A 361 21.19 -4.28 5.32
CA TYR A 361 20.25 -5.27 5.85
C TYR A 361 20.65 -5.82 7.21
N SER A 362 21.74 -5.31 7.79
CA SER A 362 22.03 -5.64 9.17
C SER A 362 21.09 -4.86 10.08
N GLU A 363 20.92 -5.35 11.31
CA GLU A 363 20.06 -4.67 12.25
C GLU A 363 20.54 -3.25 12.52
N LYS A 364 21.86 -3.08 12.67
CA LYS A 364 22.47 -1.77 12.89
C LYS A 364 21.99 -0.73 11.88
N TYR A 365 22.02 -1.06 10.59
CA TYR A 365 21.69 -0.06 9.58
C TYR A 365 20.22 -0.08 9.17
N SER A 366 19.55 -1.22 9.30
CA SER A 366 18.12 -1.23 9.01
C SER A 366 17.36 -0.37 10.01
N VAL A 367 17.68 -0.49 11.30
CA VAL A 367 17.00 0.33 12.29
C VAL A 367 17.32 1.80 12.11
N GLN A 368 18.60 2.13 11.82
CA GLN A 368 18.96 3.53 11.67
C GLN A 368 18.40 4.14 10.38
N GLN A 369 18.30 3.38 9.30
CA GLN A 369 17.61 3.93 8.13
C GLN A 369 16.16 4.23 8.46
N PHE A 370 15.51 3.31 9.16
CA PHE A 370 14.07 3.41 9.35
C PHE A 370 13.73 4.52 10.35
N LEU A 371 14.52 4.63 11.43
CA LEU A 371 14.24 5.53 12.54
C LEU A 371 15.25 6.65 12.71
N GLY A 372 16.28 6.70 11.88
CA GLY A 372 17.35 7.68 12.00
C GLY A 372 18.50 7.19 12.85
N SER A 373 19.57 7.99 12.86
CA SER A 373 20.80 7.59 13.53
C SER A 373 20.59 7.39 15.03
N PHE A 374 21.30 6.40 15.57
CA PHE A 374 21.33 6.19 17.02
C PHE A 374 21.80 7.48 17.71
N GLY A 375 21.13 7.83 18.79
CA GLY A 375 21.44 9.04 19.53
C GLY A 375 20.79 10.29 19.01
N ASN A 376 20.17 10.24 17.83
CA ASN A 376 19.44 11.39 17.32
C ASN A 376 17.98 11.24 17.74
N LEU A 377 17.23 10.39 17.04
CA LEU A 377 15.84 10.12 17.39
C LEU A 377 15.64 8.81 18.11
N VAL A 378 16.61 7.90 18.07
CA VAL A 378 16.39 6.54 18.54
C VAL A 378 17.54 6.13 19.44
N THR A 379 17.21 5.46 20.53
CA THR A 379 18.17 4.94 21.49
C THR A 379 18.26 3.43 21.34
N ASP A 380 19.48 2.91 21.24
CA ASP A 380 19.73 1.47 21.28
C ASP A 380 19.79 1.05 22.74
N ASP A 381 18.75 0.38 23.21
CA ASP A 381 18.61 0.01 24.61
C ASP A 381 19.30 -1.31 24.94
N GLY A 382 19.83 -1.99 23.94
CA GLY A 382 20.28 -3.35 24.10
C GLY A 382 19.14 -4.34 23.99
N ASN A 383 19.52 -5.61 23.84
CA ASN A 383 18.57 -6.72 23.75
C ASN A 383 17.55 -6.55 22.63
N ARG A 384 18.01 -5.95 21.53
CA ARG A 384 17.21 -5.76 20.31
C ARG A 384 16.00 -4.87 20.56
N HIS A 385 16.08 -4.00 21.57
CA HIS A 385 15.03 -3.04 21.89
C HIS A 385 15.52 -1.63 21.58
N TYR A 386 14.65 -0.84 20.98
CA TYR A 386 14.96 0.53 20.55
C TYR A 386 13.83 1.44 21.00
N THR A 387 14.17 2.66 21.40
CA THR A 387 13.18 3.65 21.83
C THR A 387 13.32 4.92 21.00
N VAL A 388 12.21 5.34 20.43
CA VAL A 388 12.12 6.56 19.65
C VAL A 388 11.69 7.72 20.55
N ASP A 389 12.35 8.86 20.40
CA ASP A 389 11.89 10.11 21.00
C ASP A 389 10.78 10.62 20.10
N GLU A 390 9.53 10.39 20.50
CA GLU A 390 8.40 10.60 19.62
C GLU A 390 8.24 12.07 19.22
N ASP A 391 8.37 12.99 20.18
CA ASP A 391 8.21 14.39 19.85
C ASP A 391 9.31 14.88 18.95
N LYS A 392 10.52 14.40 19.16
CA LYS A 392 11.66 14.80 18.33
C LYS A 392 11.51 14.27 16.92
N TYR A 393 11.01 13.04 16.79
CA TYR A 393 10.74 12.45 15.48
C TYR A 393 9.75 13.29 14.69
N THR A 394 8.61 13.64 15.30
CA THR A 394 7.61 14.43 14.58
C THR A 394 8.16 15.80 14.20
N LYS A 395 8.95 16.41 15.08
CA LYS A 395 9.55 17.68 14.72
C LYS A 395 10.50 17.54 13.54
N ALA A 396 11.31 16.47 13.50
CA ALA A 396 12.22 16.29 12.37
C ALA A 396 11.45 16.15 11.06
N MET A 397 10.34 15.41 11.09
CA MET A 397 9.48 15.29 9.92
C MET A 397 8.91 16.65 9.54
N GLY A 398 8.44 17.41 10.54
CA GLY A 398 7.85 18.71 10.28
C GLY A 398 8.84 19.69 9.69
N ASP A 399 10.10 19.58 10.11
CA ASP A 399 11.18 20.43 9.60
C ASP A 399 11.70 19.97 8.24
N ASN A 400 11.18 18.86 7.71
CA ASN A 400 11.65 18.27 6.47
C ASN A 400 13.12 17.85 6.57
N LEU A 401 13.52 17.43 7.76
CA LEU A 401 14.90 17.06 8.05
C LEU A 401 14.97 15.70 8.71
N PHE A 402 14.12 14.77 8.28
CA PHE A 402 14.15 13.45 8.90
C PHE A 402 15.52 12.81 8.65
N PRO A 403 16.21 12.32 9.71
CA PRO A 403 17.59 11.81 9.55
C PRO A 403 17.66 10.33 9.20
N GLY A 404 16.76 9.92 8.33
CA GLY A 404 16.79 8.58 7.79
C GLY A 404 15.93 8.50 6.54
N LEU A 405 15.77 7.28 6.05
CA LEU A 405 14.96 7.04 4.88
C LEU A 405 13.53 6.66 5.20
N ALA A 406 13.25 6.32 6.46
CA ALA A 406 11.89 5.98 6.97
C ALA A 406 11.34 4.78 6.19
N ASP A 407 10.05 4.81 5.85
CA ASP A 407 9.43 3.66 5.22
C ASP A 407 9.96 3.40 3.81
N ARG A 408 10.70 4.32 3.21
CA ARG A 408 11.31 4.10 1.92
C ARG A 408 12.65 3.35 2.00
N PHE A 409 13.06 2.89 3.19
CA PHE A 409 14.38 2.34 3.41
C PHE A 409 14.63 1.01 2.70
N SER A 410 15.91 0.63 2.71
CA SER A 410 16.44 -0.57 2.07
C SER A 410 17.00 -1.45 3.18
N GLY A 411 16.15 -2.26 3.78
CA GLY A 411 16.55 -3.06 4.92
C GLY A 411 15.38 -3.86 5.43
N TRP A 412 15.53 -4.43 6.63
CA TRP A 412 14.46 -5.21 7.22
C TRP A 412 14.49 -5.11 8.73
N ILE A 413 13.30 -5.09 9.32
CA ILE A 413 13.14 -5.09 10.78
C ILE A 413 12.78 -6.51 11.19
N PRO A 414 13.69 -7.28 11.80
CA PRO A 414 13.36 -8.66 12.20
C PRO A 414 12.31 -8.68 13.30
N ASP A 415 11.54 -9.78 13.35
CA ASP A 415 10.51 -9.93 14.37
C ASP A 415 11.08 -9.93 15.81
N GLY A 416 12.35 -10.32 15.98
CA GLY A 416 12.99 -10.28 17.29
C GLY A 416 13.32 -8.88 17.80
N VAL A 417 13.19 -7.86 16.98
CA VAL A 417 13.42 -6.48 17.36
C VAL A 417 12.12 -5.89 17.88
N THR A 418 12.22 -5.14 18.98
CA THR A 418 11.09 -4.40 19.54
C THR A 418 11.41 -2.92 19.45
N ILE A 419 10.45 -2.14 18.97
CA ILE A 419 10.58 -0.69 18.88
C ILE A 419 9.49 -0.09 19.72
N LYS A 420 9.88 0.78 20.64
CA LYS A 420 8.96 1.60 21.37
C LYS A 420 8.96 2.99 20.77
N GLY A 421 7.78 3.49 20.42
CA GLY A 421 7.65 4.83 19.92
C GLY A 421 7.60 5.02 18.43
N ASP A 422 7.38 3.94 17.66
CA ASP A 422 7.05 4.06 16.24
C ASP A 422 5.55 4.25 16.22
N VAL A 423 5.14 5.51 16.34
CA VAL A 423 3.72 5.81 16.55
C VAL A 423 2.88 5.40 15.35
N ASP A 424 3.42 5.56 14.14
CA ASP A 424 2.68 5.14 12.96
C ASP A 424 2.43 3.63 12.99
N GLY A 425 3.46 2.84 13.31
CA GLY A 425 3.27 1.41 13.42
C GLY A 425 2.28 1.02 14.51
N ASP A 426 2.39 1.68 15.67
CA ASP A 426 1.46 1.40 16.77
C ASP A 426 0.02 1.69 16.32
N ASN A 427 -0.16 2.82 15.63
CA ASN A 427 -1.48 3.22 15.16
C ASN A 427 -2.03 2.20 14.16
N LEU A 428 -1.18 1.74 13.24
CA LEU A 428 -1.65 0.76 12.26
C LEU A 428 -2.00 -0.56 12.92
N LEU A 429 -1.14 -1.04 13.83
CA LEU A 429 -1.43 -2.27 14.57
C LEU A 429 -2.79 -2.20 15.24
N GLU A 430 -3.08 -1.07 15.91
CA GLU A 430 -4.36 -0.91 16.58
C GLU A 430 -5.51 -0.86 15.58
N ALA A 431 -5.32 -0.15 14.48
CA ALA A 431 -6.37 -0.07 13.46
C ALA A 431 -6.66 -1.44 12.85
N ASN A 432 -5.71 -2.35 12.87
CA ASN A 432 -5.94 -3.66 12.26
C ASN A 432 -6.59 -4.67 13.20
N LYS A 433 -6.62 -4.42 14.50
CA LYS A 433 -7.20 -5.40 15.41
C LYS A 433 -8.64 -5.75 15.07
N PRO A 434 -9.52 -4.80 14.72
CA PRO A 434 -10.92 -5.17 14.46
C PRO A 434 -11.12 -6.02 13.21
N TYR A 435 -10.11 -6.16 12.36
CA TYR A 435 -10.23 -6.90 11.09
C TYR A 435 -9.67 -8.31 11.15
N GLU A 436 -9.15 -8.76 12.29
CA GLU A 436 -8.63 -10.12 12.37
C GLU A 436 -9.73 -11.15 12.12
N GLU A 437 -10.93 -10.89 12.64
CA GLU A 437 -12.02 -11.83 12.39
C GLU A 437 -12.39 -11.90 10.92
N GLN A 438 -12.64 -10.75 10.27
CA GLN A 438 -13.06 -10.83 8.86
C GLN A 438 -11.93 -11.35 7.98
N ARG A 439 -10.68 -10.99 8.27
CA ARG A 439 -9.57 -11.52 7.48
C ARG A 439 -9.41 -13.02 7.64
N SER A 440 -9.89 -13.58 8.75
CA SER A 440 -9.79 -15.01 8.95
C SER A 440 -10.82 -15.79 8.16
N HIS A 441 -11.73 -15.12 7.46
CA HIS A 441 -12.78 -15.76 6.68
C HIS A 441 -12.35 -16.10 5.26
N PHE A 442 -11.09 -15.89 4.91
CA PHE A 442 -10.59 -16.24 3.59
C PHE A 442 -9.21 -16.88 3.68
N ASP A 443 -8.89 -17.69 2.69
CA ASP A 443 -7.61 -18.35 2.61
C ASP A 443 -6.62 -17.46 1.87
N PRO A 444 -5.45 -17.15 2.44
CA PRO A 444 -4.59 -16.12 1.84
C PRO A 444 -3.89 -16.55 0.58
N VAL A 445 -3.98 -17.84 0.22
CA VAL A 445 -3.48 -18.32 -1.07
C VAL A 445 -4.61 -18.61 -2.05
N LYS A 446 -5.70 -19.24 -1.60
CA LYS A 446 -6.76 -19.67 -2.51
C LYS A 446 -7.77 -18.57 -2.80
N ASP A 447 -7.89 -17.55 -1.91
CA ASP A 447 -8.91 -16.51 -2.03
C ASP A 447 -8.30 -15.12 -2.19
N TYR A 448 -7.05 -15.06 -2.61
CA TYR A 448 -6.30 -13.81 -2.72
C TYR A 448 -5.15 -14.09 -3.67
N ILE A 449 -4.96 -13.25 -4.68
CA ILE A 449 -3.81 -13.37 -5.56
C ILE A 449 -2.59 -12.87 -4.82
N PRO A 450 -1.64 -13.73 -4.45
CA PRO A 450 -0.53 -13.26 -3.61
C PRO A 450 0.28 -12.16 -4.26
N ASP A 451 0.83 -11.31 -3.38
CA ASP A 451 1.54 -10.13 -3.84
C ASP A 451 2.74 -10.48 -4.71
N TYR A 452 3.29 -11.68 -4.58
CA TYR A 452 4.48 -12.10 -5.31
C TYR A 452 4.18 -12.67 -6.70
N VAL A 453 2.93 -12.75 -7.12
CA VAL A 453 2.60 -13.28 -8.45
C VAL A 453 3.01 -12.24 -9.47
N ASN A 454 4.10 -12.51 -10.20
CA ASN A 454 4.76 -11.55 -11.08
C ASN A 454 4.71 -12.06 -12.52
N PRO A 455 3.81 -11.54 -13.39
CA PRO A 455 3.82 -11.96 -14.80
C PRO A 455 5.12 -11.59 -15.48
N ASP A 456 5.50 -12.39 -16.48
CA ASP A 456 6.72 -12.12 -17.21
C ASP A 456 6.56 -10.87 -18.09
N PRO A 457 7.65 -10.42 -18.72
CA PRO A 457 7.58 -9.13 -19.42
C PRO A 457 6.57 -9.11 -20.53
N THR A 458 6.45 -10.18 -21.32
CA THR A 458 5.50 -10.18 -22.42
C THR A 458 4.08 -10.08 -21.89
N ASP A 459 3.76 -10.88 -20.87
CA ASP A 459 2.41 -10.86 -20.34
C ASP A 459 2.14 -9.57 -19.58
N SER A 460 3.15 -9.02 -18.90
CA SER A 460 3.00 -7.73 -18.24
C SER A 460 2.64 -6.64 -19.23
N ASN A 461 3.29 -6.63 -20.40
CA ASN A 461 2.96 -5.63 -21.40
C ASN A 461 1.55 -5.82 -21.95
N THR A 462 1.14 -7.07 -22.16
CA THR A 462 -0.25 -7.29 -22.58
C THR A 462 -1.22 -6.77 -21.53
N LEU A 463 -1.00 -7.13 -20.27
CA LEU A 463 -1.87 -6.67 -19.19
C LEU A 463 -1.97 -5.16 -19.17
N THR A 464 -0.83 -4.48 -19.16
CA THR A 464 -0.81 -3.02 -19.03
C THR A 464 -1.47 -2.36 -20.24
N ASN A 465 -1.20 -2.88 -21.44
CA ASN A 465 -1.81 -2.31 -22.64
C ASN A 465 -3.33 -2.45 -22.59
N ASN A 466 -3.83 -3.66 -22.27
CA ASN A 466 -5.26 -3.84 -22.18
C ASN A 466 -5.84 -3.02 -21.03
N ASN A 467 -5.16 -3.02 -19.87
CA ASN A 467 -5.67 -2.28 -18.71
C ASN A 467 -5.79 -0.80 -19.02
N ALA A 468 -4.91 -0.26 -19.87
CA ALA A 468 -4.99 1.17 -20.16
C ALA A 468 -6.32 1.52 -20.81
N GLN A 469 -6.82 0.65 -21.68
CA GLN A 469 -8.09 0.92 -22.32
C GLN A 469 -9.25 0.56 -21.40
N ILE A 470 -9.14 -0.58 -20.72
CA ILE A 470 -10.19 -1.01 -19.80
C ILE A 470 -10.43 0.05 -18.74
N SER A 471 -9.36 0.63 -18.20
CA SER A 471 -9.52 1.52 -17.06
C SER A 471 -10.30 2.78 -17.43
N ASN A 472 -10.11 3.29 -18.66
CA ASN A 472 -10.86 4.47 -19.07
C ASN A 472 -12.35 4.22 -19.03
N VAL A 473 -12.79 3.05 -19.53
CA VAL A 473 -14.21 2.72 -19.51
C VAL A 473 -14.70 2.54 -18.09
N VAL A 474 -13.95 1.75 -17.30
CA VAL A 474 -14.39 1.44 -15.94
C VAL A 474 -14.56 2.72 -15.13
N MET A 475 -13.56 3.60 -15.19
CA MET A 475 -13.57 4.79 -14.35
C MET A 475 -14.72 5.70 -14.75
N GLN A 476 -14.94 5.89 -16.05
CA GLN A 476 -16.01 6.75 -16.51
C GLN A 476 -17.37 6.18 -16.15
N LYS A 477 -17.63 4.91 -16.49
CA LYS A 477 -18.93 4.34 -16.24
C LYS A 477 -19.20 4.21 -14.75
N THR A 478 -18.20 3.78 -13.98
CA THR A 478 -18.43 3.59 -12.55
C THR A 478 -18.83 4.91 -11.89
N ALA A 479 -18.10 5.98 -12.17
CA ALA A 479 -18.40 7.27 -11.55
C ALA A 479 -19.78 7.76 -11.99
N THR A 480 -20.09 7.63 -13.27
CA THR A 480 -21.39 8.09 -13.77
C THR A 480 -22.53 7.31 -13.12
N TRP A 481 -22.40 5.98 -13.04
CA TRP A 481 -23.46 5.17 -12.47
C TRP A 481 -23.63 5.43 -10.97
N MET A 482 -22.54 5.70 -10.26
CA MET A 482 -22.65 6.01 -8.85
C MET A 482 -23.37 7.34 -8.64
N SER A 483 -23.05 8.34 -9.46
CA SER A 483 -23.61 9.68 -9.28
C SER A 483 -25.02 9.78 -9.86
N LYS A 484 -25.23 9.24 -11.07
CA LYS A 484 -26.45 9.53 -11.82
C LYS A 484 -27.35 8.34 -12.06
N GLY A 485 -26.94 7.12 -11.70
CA GLY A 485 -27.72 5.95 -12.01
C GLY A 485 -27.46 5.44 -13.42
N GLY A 486 -28.27 4.47 -13.83
CA GLY A 486 -28.27 3.95 -15.18
C GLY A 486 -27.65 2.58 -15.34
N ILE A 487 -27.12 1.98 -14.28
CA ILE A 487 -26.29 0.78 -14.43
C ILE A 487 -27.07 -0.38 -15.01
N ASP A 488 -28.32 -0.57 -14.59
CA ASP A 488 -29.03 -1.78 -14.99
C ASP A 488 -29.18 -1.88 -16.49
N GLU A 489 -29.48 -0.77 -17.16
CA GLU A 489 -29.70 -0.83 -18.61
C GLU A 489 -28.41 -0.70 -19.42
N GLU A 490 -27.30 -0.28 -18.81
CA GLU A 490 -26.02 -0.16 -19.51
C GLU A 490 -25.03 -1.27 -19.17
N TRP A 491 -25.37 -2.14 -18.22
CA TRP A 491 -24.41 -3.11 -17.71
C TRP A 491 -23.97 -4.11 -18.77
N ASP A 492 -24.92 -4.69 -19.51
CA ASP A 492 -24.54 -5.70 -20.51
C ASP A 492 -23.60 -5.12 -21.56
N ALA A 493 -23.89 -3.93 -22.06
CA ALA A 493 -23.00 -3.34 -23.06
C ALA A 493 -21.63 -3.08 -22.47
N TYR A 494 -21.57 -2.62 -21.22
CA TYR A 494 -20.27 -2.36 -20.60
C TYR A 494 -19.45 -3.64 -20.50
N CYS A 495 -20.08 -4.74 -20.09
CA CYS A 495 -19.38 -6.01 -19.93
C CYS A 495 -18.83 -6.47 -21.29
N LYS A 496 -19.63 -6.35 -22.33
CA LYS A 496 -19.14 -6.72 -23.65
C LYS A 496 -18.02 -5.80 -24.10
N GLN A 497 -18.10 -4.51 -23.75
CA GLN A 497 -17.04 -3.60 -24.12
C GLN A 497 -15.71 -3.97 -23.46
N LEU A 498 -15.74 -4.33 -22.17
CA LEU A 498 -14.49 -4.71 -21.51
C LEU A 498 -13.89 -5.96 -22.12
N ASP A 499 -14.76 -6.91 -22.48
CA ASP A 499 -14.30 -8.12 -23.18
C ASP A 499 -13.63 -7.76 -24.50
N SER A 500 -14.21 -6.80 -25.24
CA SER A 500 -13.62 -6.38 -26.51
C SER A 500 -12.26 -5.72 -26.32
N LEU A 501 -11.97 -5.22 -25.12
CA LEU A 501 -10.71 -4.60 -24.78
C LEU A 501 -9.72 -5.57 -24.13
N GLY A 502 -10.05 -6.86 -24.08
CA GLY A 502 -9.12 -7.87 -23.63
C GLY A 502 -9.27 -8.32 -22.19
N LEU A 503 -10.36 -7.94 -21.51
CA LEU A 503 -10.50 -8.33 -20.09
C LEU A 503 -10.31 -9.82 -19.89
N GLN A 504 -10.92 -10.65 -20.75
CA GLN A 504 -10.85 -12.10 -20.53
C GLN A 504 -9.46 -12.65 -20.82
N GLU A 505 -8.70 -12.01 -21.72
CA GLU A 505 -7.29 -12.35 -21.88
C GLU A 505 -6.54 -12.05 -20.58
N ASN A 506 -6.83 -10.90 -19.99
CA ASN A 506 -6.15 -10.54 -18.74
C ASN A 506 -6.49 -11.52 -17.63
N VAL A 507 -7.76 -11.93 -17.52
CA VAL A 507 -8.12 -12.93 -16.52
C VAL A 507 -7.29 -14.20 -16.70
N LYS A 508 -7.20 -14.68 -17.94
CA LYS A 508 -6.47 -15.92 -18.19
C LYS A 508 -4.98 -15.76 -17.90
N ILE A 509 -4.39 -14.59 -18.22
CA ILE A 509 -2.99 -14.32 -17.89
C ILE A 509 -2.76 -14.37 -16.39
N TRP A 510 -3.65 -13.73 -15.61
CA TRP A 510 -3.49 -13.75 -14.16
C TRP A 510 -3.69 -15.15 -13.62
N GLN A 511 -4.66 -15.90 -14.16
CA GLN A 511 -4.82 -17.29 -13.71
C GLN A 511 -3.55 -18.08 -13.94
N LYS A 512 -2.94 -17.92 -15.10
CA LYS A 512 -1.74 -18.69 -15.44
C LYS A 512 -0.63 -18.40 -14.43
N TRP A 513 -0.33 -17.13 -14.20
CA TRP A 513 0.78 -16.82 -13.29
C TRP A 513 0.43 -17.16 -11.84
N TYR A 514 -0.83 -16.94 -11.47
CA TYR A 514 -1.25 -17.39 -10.15
C TYR A 514 -0.99 -18.89 -9.97
N ASP A 515 -1.34 -19.68 -10.99
CA ASP A 515 -1.11 -21.13 -10.91
C ASP A 515 0.38 -21.44 -10.84
N ILE A 516 1.20 -20.81 -11.68
CA ILE A 516 2.64 -21.06 -11.67
C ILE A 516 3.22 -20.82 -10.27
N TYR A 517 2.81 -19.72 -9.64
CA TYR A 517 3.41 -19.32 -8.35
C TYR A 517 2.81 -20.07 -7.16
N THR A 518 1.58 -20.57 -7.24
CA THR A 518 0.90 -21.06 -6.05
C THR A 518 0.56 -22.54 -6.10
N LYS A 519 0.60 -23.19 -7.26
CA LYS A 519 0.14 -24.56 -7.39
C LYS A 519 1.27 -25.46 -7.87
N LYS A 520 1.24 -26.70 -7.39
CA LYS A 520 2.28 -27.67 -7.76
C LYS A 520 2.07 -28.16 -9.18
#